data_1HB4
#
_entry.id   1HB4
#
_cell.length_a   46.660
_cell.length_b   71.210
_cell.length_c   100.170
_cell.angle_alpha   90.00
_cell.angle_beta   90.00
_cell.angle_gamma   90.00
#
_symmetry.space_group_name_H-M   'P 21 21 21'
#
loop_
_entity.id
_entity.type
_entity.pdbx_description
1 polymer 'ISOPENICILLIN N SYNTHASE'
2 non-polymer N6-[(1S)-2-{[(1R)-1-CARBOXY-2-METHYLPROPYL]OXY}-1-(MERCAPTOCARBONYL)-2-OXOETHYL]-6-OXO-L-LYSINE
3 non-polymer 'SULFATE ION'
4 non-polymer 'FE (II) ION'
5 water water
#
_entity_poly.entity_id   1
_entity_poly.type   'polypeptide(L)'
_entity_poly.pdbx_seq_one_letter_code
;MGSVSKANVPKIDVSPLFGDDQAAKMRVAQQIDAASRDTGFFYAVNHGINVQRLSQKTKEFHMSITPEEKWDLAIRAYNK
EHQDQVRAGYYLSIPGKKAVESFCYLNPNFTPDHPRIQAKTPTHEVNVWPDETKHPGFQDFAEQYYWDVFGLSSALLKGY
ALALGKEENFFARHFKPDDTLASVVLIRYPYLDPYPEAAIKTAADGTKLSFEWHEDVSLITVLYQSNVQNLQVETAAGYQ
DIEADDTGYLINCGSYMAHLTNNYYKAPIHRVKWVNAERQSLPFFVNLGYDSVIDPFDPREPNGKSDREPLSYGDYLQNG
LVSLINKNGQT
;
_entity_poly.pdbx_strand_id   A
#
loop_
_chem_comp.id
_chem_comp.type
_chem_comp.name
_chem_comp.formula
FE2 non-polymer 'FE (II) ION' 'Fe 2'
SCV non-polymer N6-[(1S)-2-{[(1R)-1-CARBOXY-2-METHYLPROPYL]OXY}-1-(MERCAPTOCARBONYL)-2-OXOETHYL]-6-OXO-L-LYSINE 'C14 H22 N2 O8 S'
SO4 non-polymer 'SULFATE ION' 'O4 S -2'
#
# COMPACT_ATOMS: atom_id res chain seq x y z
N SER A 3 4.66 23.08 -15.72
CA SER A 3 3.86 24.06 -14.93
C SER A 3 3.15 23.37 -13.77
N VAL A 4 3.77 22.31 -13.25
CA VAL A 4 3.18 21.57 -12.12
C VAL A 4 3.97 21.87 -10.85
N SER A 5 3.32 22.39 -9.82
CA SER A 5 4.00 22.72 -8.56
C SER A 5 4.37 21.46 -7.78
N LYS A 6 5.43 21.55 -6.98
CA LYS A 6 5.83 20.41 -6.17
C LYS A 6 4.98 20.35 -4.91
N ALA A 7 4.49 19.16 -4.57
CA ALA A 7 3.68 18.98 -3.37
C ALA A 7 4.54 19.04 -2.11
N ASN A 8 3.97 19.56 -1.04
CA ASN A 8 4.66 19.60 0.25
C ASN A 8 4.57 18.22 0.88
N VAL A 9 5.69 17.52 0.85
CA VAL A 9 5.79 16.17 1.41
C VAL A 9 6.99 16.15 2.36
N PRO A 10 6.72 16.43 3.62
CA PRO A 10 7.77 16.53 4.61
C PRO A 10 8.48 15.21 4.88
N LYS A 11 9.74 15.28 5.28
CA LYS A 11 10.47 14.08 5.69
C LYS A 11 10.40 14.06 7.21
N ILE A 12 9.81 13.03 7.79
CA ILE A 12 9.63 12.90 9.22
C ILE A 12 10.49 11.76 9.75
N ASP A 13 11.35 12.08 10.73
CA ASP A 13 12.16 11.05 11.38
C ASP A 13 11.24 10.29 12.34
N VAL A 14 10.91 9.05 11.96
CA VAL A 14 9.99 8.24 12.76
C VAL A 14 10.68 7.35 13.78
N SER A 15 12.00 7.50 13.91
CA SER A 15 12.73 6.66 14.87
C SER A 15 12.25 6.73 16.30
N PRO A 16 11.79 7.85 16.85
CA PRO A 16 11.26 7.84 18.21
C PRO A 16 10.06 6.93 18.41
N LEU A 17 9.30 6.58 17.35
CA LEU A 17 8.15 5.71 17.50
C LEU A 17 8.48 4.25 17.80
N PHE A 18 9.76 3.90 17.69
CA PHE A 18 10.20 2.56 18.04
C PHE A 18 10.67 2.49 19.50
N GLY A 19 10.78 3.63 20.16
CA GLY A 19 11.31 3.68 21.52
C GLY A 19 10.31 4.04 22.60
N ASP A 20 10.87 4.46 23.75
CA ASP A 20 10.04 4.78 24.90
C ASP A 20 10.14 6.21 25.39
N ASP A 21 10.56 7.14 24.55
CA ASP A 21 10.60 8.56 24.91
C ASP A 21 9.24 9.14 24.52
N GLN A 22 8.30 9.19 25.46
CA GLN A 22 6.94 9.63 25.15
C GLN A 22 6.84 11.03 24.59
N ALA A 23 7.56 12.01 25.13
CA ALA A 23 7.55 13.36 24.62
C ALA A 23 8.06 13.42 23.17
N ALA A 24 9.14 12.69 22.88
CA ALA A 24 9.68 12.62 21.54
C ALA A 24 8.63 12.05 20.57
N LYS A 25 7.91 11.03 21.03
CA LYS A 25 6.86 10.43 20.20
C LYS A 25 5.74 11.42 19.96
N MET A 26 5.38 12.27 20.94
CA MET A 26 4.38 13.29 20.68
C MET A 26 4.83 14.29 19.63
N ARG A 27 6.12 14.66 19.61
CA ARG A 27 6.60 15.58 18.59
C ARG A 27 6.55 14.95 17.20
N VAL A 28 6.75 13.63 17.11
CA VAL A 28 6.59 12.97 15.81
C VAL A 28 5.12 12.96 15.42
N ALA A 29 4.25 12.65 16.39
CA ALA A 29 2.82 12.63 16.16
C ALA A 29 2.32 13.97 15.61
N GLN A 30 2.84 15.09 16.14
CA GLN A 30 2.43 16.39 15.63
C GLN A 30 2.79 16.56 14.15
N GLN A 31 3.99 16.07 13.77
CA GLN A 31 4.37 16.16 12.37
C GLN A 31 3.46 15.32 11.49
N ILE A 32 3.07 14.14 11.98
CA ILE A 32 2.14 13.30 11.23
C ILE A 32 0.78 14.00 11.14
N ASP A 33 0.34 14.62 12.24
CA ASP A 33 -0.92 15.37 12.20
C ASP A 33 -0.88 16.47 11.14
N ALA A 34 0.20 17.26 11.13
CA ALA A 34 0.33 18.35 10.18
C ALA A 34 0.33 17.85 8.74
N ALA A 35 1.12 16.81 8.46
CA ALA A 35 1.14 16.28 7.08
C ALA A 35 -0.22 15.70 6.69
N SER A 36 -0.91 15.02 7.62
CA SER A 36 -2.19 14.42 7.28
C SER A 36 -3.26 15.49 7.03
N ARG A 37 -3.12 16.65 7.67
CA ARG A 37 -4.09 17.73 7.47
C ARG A 37 -3.68 18.59 6.27
N ASP A 38 -2.48 18.45 5.73
CA ASP A 38 -2.06 19.24 4.57
C ASP A 38 -2.23 18.42 3.30
N THR A 39 -1.16 17.97 2.64
CA THR A 39 -1.32 17.22 1.41
C THR A 39 -1.75 15.77 1.63
N GLY A 40 -1.49 15.24 2.83
CA GLY A 40 -1.86 13.86 3.10
C GLY A 40 -0.69 12.92 2.86
N PHE A 41 0.47 13.43 2.51
CA PHE A 41 1.62 12.57 2.28
C PHE A 41 2.83 13.04 3.09
N PHE A 42 3.64 12.08 3.48
CA PHE A 42 4.93 12.39 4.11
C PHE A 42 5.90 11.23 3.82
N TYR A 43 7.20 11.55 3.89
CA TYR A 43 8.18 10.47 3.82
C TYR A 43 8.63 10.10 5.23
N ALA A 44 8.54 8.83 5.58
CA ALA A 44 9.08 8.33 6.84
C ALA A 44 10.57 8.05 6.61
N VAL A 45 11.44 8.70 7.37
CA VAL A 45 12.87 8.50 7.27
C VAL A 45 13.38 7.97 8.60
N ASN A 46 14.57 7.37 8.60
CA ASN A 46 15.15 6.72 9.76
C ASN A 46 14.24 5.60 10.25
N HIS A 47 13.71 4.85 9.27
CA HIS A 47 12.77 3.76 9.49
C HIS A 47 13.38 2.41 9.78
N GLY A 48 14.68 2.28 9.57
CA GLY A 48 15.40 1.06 9.91
C GLY A 48 15.33 -0.09 8.91
N ILE A 49 14.60 0.04 7.82
CA ILE A 49 14.53 -1.06 6.84
C ILE A 49 15.59 -0.88 5.76
N ASN A 50 16.21 -2.00 5.38
CA ASN A 50 17.21 -2.01 4.30
C ASN A 50 16.47 -2.03 2.95
N VAL A 51 16.19 -0.85 2.43
CA VAL A 51 15.44 -0.73 1.19
C VAL A 51 16.31 -1.00 -0.03
N GLN A 52 17.63 -0.81 0.05
CA GLN A 52 18.47 -1.13 -1.11
C GLN A 52 18.44 -2.64 -1.34
N ARG A 53 18.52 -3.40 -0.23
CA ARG A 53 18.46 -4.87 -0.35
C ARG A 53 17.09 -5.29 -0.82
N LEU A 54 16.02 -4.69 -0.31
CA LEU A 54 14.68 -5.00 -0.81
C LEU A 54 14.62 -4.81 -2.31
N SER A 55 15.14 -3.69 -2.81
CA SER A 55 15.13 -3.41 -4.25
C SER A 55 15.97 -4.40 -5.05
N GLN A 56 17.09 -4.80 -4.49
CA GLN A 56 17.94 -5.76 -5.20
C GLN A 56 17.30 -7.13 -5.28
N LYS A 57 16.70 -7.60 -4.19
CA LYS A 57 16.04 -8.91 -4.20
C LYS A 57 14.82 -8.88 -5.10
N THR A 58 14.08 -7.77 -5.09
CA THR A 58 12.90 -7.66 -5.97
C THR A 58 13.32 -7.62 -7.44
N LYS A 59 14.42 -6.94 -7.76
CA LYS A 59 14.91 -6.86 -9.14
C LYS A 59 15.30 -8.24 -9.62
N GLU A 60 16.00 -8.99 -8.76
CA GLU A 60 16.42 -10.35 -9.13
C GLU A 60 15.21 -11.21 -9.47
N PHE A 61 14.13 -11.10 -8.71
CA PHE A 61 12.90 -11.82 -9.00
C PHE A 61 12.26 -11.39 -10.30
N HIS A 62 11.99 -10.10 -10.50
CA HIS A 62 11.30 -9.62 -11.68
C HIS A 62 12.04 -9.92 -12.97
N MET A 63 13.36 -9.88 -12.94
CA MET A 63 14.09 -10.09 -14.19
C MET A 63 14.38 -11.55 -14.46
N SER A 64 14.07 -12.46 -13.54
CA SER A 64 14.34 -13.87 -13.81
C SER A 64 13.06 -14.68 -13.99
N ILE A 65 11.94 -14.20 -13.47
CA ILE A 65 10.71 -14.97 -13.65
C ILE A 65 10.36 -15.10 -15.13
N THR A 66 9.90 -16.26 -15.52
CA THR A 66 9.62 -16.58 -16.92
C THR A 66 8.13 -16.57 -17.20
N PRO A 67 7.73 -16.50 -18.47
CA PRO A 67 6.33 -16.56 -18.82
C PRO A 67 5.64 -17.80 -18.30
N GLU A 68 6.34 -18.96 -18.31
CA GLU A 68 5.75 -20.20 -17.78
C GLU A 68 5.40 -20.04 -16.31
N GLU A 69 6.34 -19.48 -15.54
CA GLU A 69 6.10 -19.29 -14.09
C GLU A 69 4.94 -18.32 -13.84
N LYS A 70 4.86 -17.26 -14.64
CA LYS A 70 3.77 -16.31 -14.48
C LYS A 70 2.41 -16.95 -14.64
N TRP A 71 2.22 -17.84 -15.64
CA TRP A 71 0.92 -18.51 -15.75
C TRP A 71 0.69 -19.42 -14.54
N ASP A 72 1.76 -20.10 -14.10
CA ASP A 72 1.64 -21.05 -12.99
C ASP A 72 1.36 -20.38 -11.66
N LEU A 73 1.65 -19.09 -11.56
CA LEU A 73 1.39 -18.33 -10.35
C LEU A 73 0.25 -17.34 -10.49
N ALA A 74 -0.39 -17.26 -11.66
CA ALA A 74 -1.35 -16.22 -11.98
C ALA A 74 -2.63 -16.21 -11.17
N ILE A 75 -3.11 -15.01 -10.85
CA ILE A 75 -4.41 -14.85 -10.19
C ILE A 75 -5.51 -15.26 -11.19
N ARG A 76 -6.69 -15.43 -10.66
CA ARG A 76 -7.89 -15.85 -11.38
C ARG A 76 -8.25 -15.00 -12.57
N ALA A 77 -7.98 -13.70 -12.54
CA ALA A 77 -8.27 -12.80 -13.64
C ALA A 77 -7.51 -13.20 -14.90
N TYR A 78 -6.35 -13.84 -14.74
CA TYR A 78 -5.54 -14.28 -15.87
C TYR A 78 -5.55 -15.78 -16.07
N ASN A 79 -5.90 -16.56 -15.07
CA ASN A 79 -5.87 -18.03 -15.19
C ASN A 79 -7.10 -18.59 -14.49
N LYS A 80 -8.06 -19.07 -15.28
CA LYS A 80 -9.30 -19.62 -14.74
C LYS A 80 -9.11 -20.86 -13.89
N GLU A 81 -7.99 -21.55 -13.98
CA GLU A 81 -7.73 -22.74 -13.18
C GLU A 81 -7.52 -22.37 -11.72
N HIS A 82 -7.19 -21.12 -11.42
CA HIS A 82 -6.84 -20.67 -10.07
C HIS A 82 -7.94 -19.87 -9.41
N GLN A 83 -9.10 -20.50 -9.21
CA GLN A 83 -10.24 -19.83 -8.61
C GLN A 83 -10.05 -19.34 -7.18
N ASP A 84 -9.15 -19.90 -6.40
CA ASP A 84 -8.88 -19.44 -5.04
C ASP A 84 -7.97 -18.22 -5.03
N GLN A 85 -7.33 -17.88 -6.14
CA GLN A 85 -6.40 -16.77 -6.16
C GLN A 85 -7.05 -15.49 -6.64
N VAL A 86 -7.61 -14.72 -5.72
CA VAL A 86 -8.21 -13.45 -6.10
C VAL A 86 -7.21 -12.32 -5.88
N ARG A 87 -6.52 -12.35 -4.75
CA ARG A 87 -5.55 -11.34 -4.35
C ARG A 87 -4.09 -11.74 -4.55
N ALA A 88 -3.74 -12.93 -4.06
CA ALA A 88 -2.35 -13.35 -4.09
C ALA A 88 -1.90 -14.07 -5.35
N GLY A 89 -0.76 -13.69 -5.88
CA GLY A 89 -0.18 -14.35 -7.06
C GLY A 89 0.33 -13.31 -8.06
N TYR A 90 0.52 -13.79 -9.30
CA TYR A 90 1.06 -12.97 -10.37
C TYR A 90 -0.02 -12.31 -11.20
N TYR A 91 0.18 -11.02 -11.49
CA TYR A 91 -0.70 -10.15 -12.26
C TYR A 91 0.08 -9.87 -13.55
N LEU A 92 -0.28 -10.53 -14.65
CA LEU A 92 0.50 -10.43 -15.88
C LEU A 92 0.34 -9.11 -16.63
N SER A 93 1.40 -8.81 -17.38
CA SER A 93 1.35 -7.72 -18.35
C SER A 93 0.73 -8.30 -19.62
N ILE A 94 0.35 -7.43 -20.54
CA ILE A 94 -0.22 -7.85 -21.84
C ILE A 94 0.51 -7.02 -22.88
N PRO A 95 1.60 -7.53 -23.43
CA PRO A 95 2.41 -6.79 -24.38
C PRO A 95 1.55 -6.17 -25.47
N GLY A 96 1.80 -4.89 -25.70
CA GLY A 96 1.05 -4.10 -26.67
C GLY A 96 -0.20 -3.49 -26.06
N LYS A 97 -0.59 -3.82 -24.83
CA LYS A 97 -1.81 -3.33 -24.22
C LYS A 97 -1.71 -2.87 -22.77
N LYS A 98 -0.98 -3.64 -21.98
CA LYS A 98 -0.87 -3.36 -20.54
C LYS A 98 0.59 -3.53 -20.15
N ALA A 99 1.21 -2.48 -19.64
CA ALA A 99 2.64 -2.58 -19.39
C ALA A 99 3.00 -3.16 -18.04
N VAL A 100 2.29 -2.71 -17.01
CA VAL A 100 2.62 -3.10 -15.64
C VAL A 100 2.37 -4.58 -15.36
N GLU A 101 3.19 -5.14 -14.49
CA GLU A 101 3.00 -6.52 -14.01
C GLU A 101 3.44 -6.54 -12.55
N SER A 102 2.93 -7.50 -11.79
CA SER A 102 3.27 -7.50 -10.35
C SER A 102 3.01 -8.85 -9.72
N PHE A 103 3.50 -8.95 -8.48
CA PHE A 103 3.33 -10.15 -7.68
C PHE A 103 2.85 -9.72 -6.30
N CYS A 104 1.71 -10.25 -5.86
CA CYS A 104 1.14 -9.84 -4.56
C CYS A 104 1.18 -11.02 -3.61
N TYR A 105 1.52 -10.75 -2.36
CA TYR A 105 1.43 -11.76 -1.31
C TYR A 105 0.84 -11.14 -0.04
N LEU A 106 0.23 -12.01 0.76
CA LEU A 106 -0.48 -11.71 1.97
C LEU A 106 0.28 -12.23 3.18
N ASN A 107 -0.37 -12.14 4.35
CA ASN A 107 0.22 -12.60 5.59
C ASN A 107 0.76 -14.02 5.47
N PRO A 108 2.04 -14.25 5.76
CA PRO A 108 2.62 -15.58 5.73
C PRO A 108 1.98 -16.53 6.73
N ASN A 109 1.27 -16.04 7.76
CA ASN A 109 0.57 -16.91 8.71
C ASN A 109 -0.73 -17.44 8.14
N PHE A 110 -1.17 -17.01 6.95
CA PHE A 110 -2.35 -17.61 6.34
C PHE A 110 -1.89 -18.91 5.67
N THR A 111 -1.81 -19.96 6.49
CA THR A 111 -1.43 -21.31 6.05
C THR A 111 -2.68 -22.13 5.89
N PRO A 112 -2.59 -23.33 5.30
CA PRO A 112 -3.73 -24.18 5.10
C PRO A 112 -4.52 -24.49 6.36
N ASP A 113 -3.91 -24.51 7.53
CA ASP A 113 -4.54 -24.77 8.81
C ASP A 113 -5.06 -23.53 9.52
N HIS A 114 -4.83 -22.33 8.99
CA HIS A 114 -5.34 -21.12 9.66
C HIS A 114 -6.85 -21.15 9.70
N PRO A 115 -7.46 -20.77 10.81
CA PRO A 115 -8.91 -20.82 10.93
C PRO A 115 -9.68 -20.07 9.86
N ARG A 116 -9.14 -18.95 9.36
CA ARG A 116 -9.86 -18.20 8.33
C ARG A 116 -9.72 -18.85 6.98
N ILE A 117 -8.63 -19.58 6.74
CA ILE A 117 -8.43 -20.31 5.49
C ILE A 117 -9.36 -21.52 5.51
N GLN A 118 -9.44 -22.18 6.67
CA GLN A 118 -10.35 -23.33 6.78
C GLN A 118 -11.79 -22.90 6.57
N ALA A 119 -12.21 -21.73 7.07
CA ALA A 119 -13.56 -21.25 6.91
C ALA A 119 -13.81 -20.65 5.53
N LYS A 120 -12.77 -20.50 4.72
CA LYS A 120 -12.85 -19.90 3.39
C LYS A 120 -13.42 -18.51 3.43
N THR A 121 -12.99 -17.71 4.41
CA THR A 121 -13.42 -16.35 4.59
C THR A 121 -12.85 -15.48 3.48
N PRO A 122 -13.68 -14.66 2.85
CA PRO A 122 -13.21 -13.80 1.79
C PRO A 122 -12.03 -12.95 2.23
N THR A 123 -11.14 -12.64 1.30
CA THR A 123 -9.95 -11.83 1.41
C THR A 123 -8.77 -12.54 2.05
N HIS A 124 -8.94 -13.75 2.57
CA HIS A 124 -7.83 -14.54 3.11
C HIS A 124 -7.46 -15.61 2.09
N GLU A 125 -6.18 -15.74 1.78
CA GLU A 125 -5.69 -16.74 0.83
C GLU A 125 -4.32 -17.23 1.30
N VAL A 126 -3.96 -18.42 0.88
CA VAL A 126 -2.62 -18.95 1.13
C VAL A 126 -1.72 -18.46 -0.01
N ASN A 127 -0.61 -17.83 0.32
CA ASN A 127 0.31 -17.34 -0.70
C ASN A 127 0.80 -18.43 -1.64
N VAL A 128 1.05 -18.00 -2.87
CA VAL A 128 1.65 -18.90 -3.88
C VAL A 128 3.06 -18.39 -4.16
N TRP A 129 4.05 -19.26 -4.32
CA TRP A 129 5.44 -18.89 -4.53
C TRP A 129 6.06 -19.65 -5.69
N PRO A 130 7.03 -19.03 -6.36
CA PRO A 130 7.74 -19.74 -7.44
C PRO A 130 8.57 -20.84 -6.85
N ASP A 131 9.11 -21.72 -7.71
CA ASP A 131 9.97 -22.80 -7.28
C ASP A 131 11.23 -22.28 -6.60
N GLU A 132 11.58 -22.86 -5.45
CA GLU A 132 12.76 -22.45 -4.71
C GLU A 132 14.06 -22.63 -5.47
N THR A 133 14.23 -23.69 -6.27
CA THR A 133 15.48 -23.85 -7.02
C THR A 133 15.62 -22.82 -8.13
N LYS A 134 14.52 -22.30 -8.67
CA LYS A 134 14.57 -21.28 -9.69
C LYS A 134 14.76 -19.89 -9.11
N HIS A 135 14.25 -19.67 -7.90
CA HIS A 135 14.38 -18.37 -7.21
C HIS A 135 14.91 -18.52 -5.80
N PRO A 136 16.15 -18.98 -5.66
CA PRO A 136 16.70 -19.26 -4.34
C PRO A 136 16.64 -18.10 -3.37
N GLY A 137 16.07 -18.38 -2.20
CA GLY A 137 16.01 -17.36 -1.15
C GLY A 137 14.87 -16.37 -1.31
N PHE A 138 14.17 -16.35 -2.43
CA PHE A 138 13.13 -15.33 -2.61
C PHE A 138 11.99 -15.41 -1.61
N GLN A 139 11.36 -16.57 -1.46
CA GLN A 139 10.25 -16.70 -0.53
C GLN A 139 10.71 -16.28 0.87
N ASP A 140 11.86 -16.76 1.32
CA ASP A 140 12.32 -16.40 2.67
C ASP A 140 12.53 -14.91 2.80
N PHE A 141 13.16 -14.30 1.80
CA PHE A 141 13.36 -12.87 1.84
C PHE A 141 12.02 -12.12 1.90
N ALA A 142 11.09 -12.53 1.03
CA ALA A 142 9.81 -11.82 0.94
C ALA A 142 9.01 -11.94 2.21
N GLU A 143 9.03 -13.11 2.85
CA GLU A 143 8.31 -13.31 4.10
C GLU A 143 8.95 -12.47 5.20
N GLN A 144 10.28 -12.41 5.28
CA GLN A 144 10.94 -11.55 6.25
C GLN A 144 10.64 -10.08 5.97
N TYR A 145 10.53 -9.69 4.68
CA TYR A 145 10.22 -8.30 4.38
C TYR A 145 8.83 -7.96 4.91
N TYR A 146 7.89 -8.89 4.74
CA TYR A 146 6.54 -8.65 5.28
C TYR A 146 6.65 -8.25 6.76
N TRP A 147 7.42 -9.02 7.54
CA TRP A 147 7.53 -8.72 8.97
C TRP A 147 8.32 -7.46 9.27
N ASP A 148 9.31 -7.13 8.43
CA ASP A 148 10.04 -5.88 8.65
C ASP A 148 9.12 -4.70 8.42
N VAL A 149 8.34 -4.69 7.32
CA VAL A 149 7.45 -3.58 7.02
C VAL A 149 6.23 -3.60 7.95
N PHE A 150 5.85 -4.75 8.48
CA PHE A 150 4.77 -4.80 9.49
C PHE A 150 5.25 -4.06 10.73
N GLY A 151 6.51 -4.28 11.13
CA GLY A 151 7.04 -3.58 12.30
C GLY A 151 7.09 -2.07 12.13
N LEU A 152 7.54 -1.61 10.94
CA LEU A 152 7.51 -0.19 10.66
C LEU A 152 6.10 0.34 10.73
N SER A 153 5.15 -0.38 10.13
CA SER A 153 3.76 0.05 10.07
C SER A 153 3.15 0.11 11.47
N SER A 154 3.51 -0.81 12.35
CA SER A 154 3.01 -0.74 13.72
C SER A 154 3.51 0.52 14.40
N ALA A 155 4.78 0.85 14.18
CA ALA A 155 5.31 2.10 14.80
C ALA A 155 4.59 3.31 14.20
N LEU A 156 4.37 3.35 12.88
CA LEU A 156 3.64 4.47 12.28
C LEU A 156 2.23 4.57 12.85
N LEU A 157 1.57 3.41 13.07
CA LEU A 157 0.22 3.45 13.64
C LEU A 157 0.23 4.02 15.06
N LYS A 158 1.29 3.83 15.82
CA LYS A 158 1.38 4.46 17.15
C LYS A 158 1.42 5.96 16.95
N GLY A 159 2.17 6.46 15.97
CA GLY A 159 2.23 7.90 15.71
C GLY A 159 0.87 8.46 15.28
N TYR A 160 0.13 7.76 14.41
CA TYR A 160 -1.19 8.25 13.99
C TYR A 160 -2.16 8.28 15.18
N ALA A 161 -2.11 7.27 16.04
CA ALA A 161 -2.99 7.24 17.20
C ALA A 161 -2.72 8.44 18.11
N LEU A 162 -1.45 8.65 18.43
CA LEU A 162 -1.11 9.80 19.28
C LEU A 162 -1.51 11.09 18.61
N ALA A 163 -1.35 11.20 17.28
CA ALA A 163 -1.71 12.40 16.54
C ALA A 163 -3.20 12.73 16.65
N LEU A 164 -4.05 11.72 16.79
CA LEU A 164 -5.49 11.90 16.88
C LEU A 164 -5.98 12.02 18.31
N GLY A 165 -5.06 12.13 19.26
CA GLY A 165 -5.44 12.29 20.67
C GLY A 165 -5.80 10.99 21.36
N LYS A 166 -5.36 9.86 20.82
CA LYS A 166 -5.69 8.56 21.42
C LYS A 166 -4.45 7.97 22.08
N GLU A 167 -4.60 6.85 22.76
CA GLU A 167 -3.49 6.09 23.34
C GLU A 167 -2.74 5.46 22.16
N GLU A 168 -1.44 5.19 22.31
CA GLU A 168 -0.67 4.72 21.15
C GLU A 168 -1.10 3.38 20.59
N ASN A 169 -1.78 2.52 21.34
CA ASN A 169 -2.19 1.24 20.69
C ASN A 169 -3.57 1.29 20.10
N PHE A 170 -4.17 2.46 19.87
CA PHE A 170 -5.52 2.58 19.34
C PHE A 170 -5.76 1.86 18.02
N PHE A 171 -4.82 1.97 17.08
CA PHE A 171 -4.92 1.27 15.80
C PHE A 171 -4.14 -0.04 15.90
N ALA A 172 -2.94 0.03 16.45
CA ALA A 172 -2.04 -1.12 16.53
C ALA A 172 -2.60 -2.34 17.22
N ARG A 173 -3.52 -2.21 18.17
CA ARG A 173 -4.15 -3.37 18.81
C ARG A 173 -4.99 -4.19 17.84
N HIS A 174 -5.41 -3.68 16.70
CA HIS A 174 -6.16 -4.38 15.67
C HIS A 174 -5.25 -4.82 14.51
N PHE A 175 -3.96 -4.57 14.64
CA PHE A 175 -2.99 -4.92 13.57
C PHE A 175 -2.06 -5.97 14.15
N LYS A 176 -2.39 -7.24 13.91
CA LYS A 176 -1.71 -8.34 14.58
C LYS A 176 -1.18 -9.36 13.61
N PRO A 177 -0.03 -9.97 13.89
CA PRO A 177 0.56 -10.95 13.01
C PRO A 177 -0.33 -12.13 12.68
N ASP A 178 -1.20 -12.58 13.60
CA ASP A 178 -2.00 -13.75 13.30
C ASP A 178 -3.17 -13.48 12.39
N ASP A 179 -3.58 -12.23 12.16
CA ASP A 179 -4.76 -12.09 11.31
C ASP A 179 -4.78 -10.87 10.40
N THR A 180 -3.69 -10.09 10.32
CA THR A 180 -3.77 -8.91 9.46
C THR A 180 -3.99 -9.28 8.01
N LEU A 181 -4.83 -8.49 7.36
CA LEU A 181 -5.16 -8.60 5.96
C LEU A 181 -4.21 -7.77 5.07
N ALA A 182 -3.14 -7.25 5.67
CA ALA A 182 -2.14 -6.47 4.94
C ALA A 182 -1.50 -7.25 3.79
N SER A 183 -1.19 -6.52 2.70
CA SER A 183 -0.56 -7.13 1.54
C SER A 183 0.69 -6.36 1.10
N VAL A 184 1.61 -7.09 0.50
CA VAL A 184 2.77 -6.53 -0.18
C VAL A 184 2.54 -6.71 -1.68
N VAL A 185 2.84 -5.71 -2.51
CA VAL A 185 2.77 -5.87 -3.95
C VAL A 185 4.14 -5.51 -4.52
N LEU A 186 4.73 -6.41 -5.29
CA LEU A 186 6.03 -6.13 -5.94
C LEU A 186 5.74 -5.77 -7.41
N ILE A 187 5.63 -4.47 -7.66
CA ILE A 187 5.24 -4.00 -8.98
C ILE A 187 6.40 -3.62 -9.88
N ARG A 188 6.34 -4.10 -11.11
CA ARG A 188 7.34 -3.81 -12.12
C ARG A 188 6.71 -2.90 -13.18
N TYR A 189 7.28 -1.71 -13.37
CA TYR A 189 6.90 -0.80 -14.45
C TYR A 189 8.06 -0.86 -15.44
N PRO A 190 7.84 -1.33 -16.64
CA PRO A 190 8.89 -1.52 -17.61
C PRO A 190 9.23 -0.29 -18.45
N TYR A 191 10.44 -0.36 -18.98
CA TYR A 191 10.88 0.55 -20.04
C TYR A 191 10.51 -0.21 -21.34
N LEU A 192 9.79 0.46 -22.24
CA LEU A 192 9.41 -0.15 -23.52
C LEU A 192 9.69 0.77 -24.70
N ASP A 193 10.24 0.22 -25.77
CA ASP A 193 10.52 1.02 -26.95
C ASP A 193 10.06 0.48 -28.29
N PRO A 194 8.81 0.54 -28.63
CA PRO A 194 7.96 1.70 -28.55
C PRO A 194 7.01 1.38 -27.37
N TYR A 195 6.57 2.40 -26.65
CA TYR A 195 5.65 2.14 -25.53
C TYR A 195 4.24 2.15 -26.09
N PRO A 196 3.50 1.08 -25.86
CA PRO A 196 2.14 0.99 -26.37
C PRO A 196 1.22 2.09 -25.86
N GLU A 197 0.62 2.80 -26.82
CA GLU A 197 -0.36 3.85 -26.49
C GLU A 197 -1.56 3.29 -25.75
N ALA A 198 -1.94 2.03 -26.02
CA ALA A 198 -3.03 1.39 -25.32
C ALA A 198 -2.73 1.23 -23.83
N ALA A 199 -1.45 1.24 -23.43
CA ALA A 199 -1.06 1.11 -22.04
C ALA A 199 -0.91 2.45 -21.33
N ILE A 200 -1.22 3.54 -22.05
CA ILE A 200 -1.13 4.88 -21.50
C ILE A 200 -2.53 5.48 -21.40
N LYS A 201 -2.93 5.96 -20.24
CA LYS A 201 -4.22 6.60 -20.05
C LYS A 201 -3.99 8.10 -20.12
N THR A 202 -5.05 8.87 -20.38
CA THR A 202 -4.93 10.32 -20.44
C THR A 202 -5.90 10.98 -19.46
N ALA A 203 -5.38 11.80 -18.55
CA ALA A 203 -6.25 12.47 -17.59
C ALA A 203 -7.03 13.60 -18.26
N ALA A 204 -8.02 14.13 -17.57
CA ALA A 204 -8.82 15.23 -18.14
C ALA A 204 -7.95 16.45 -18.42
N ASP A 205 -6.91 16.67 -17.62
CA ASP A 205 -5.98 17.79 -17.80
C ASP A 205 -4.90 17.50 -18.84
N GLY A 206 -4.92 16.35 -19.50
CA GLY A 206 -3.99 15.99 -20.52
C GLY A 206 -2.76 15.22 -20.05
N THR A 207 -2.62 15.05 -18.74
CA THR A 207 -1.46 14.31 -18.24
C THR A 207 -1.54 12.84 -18.64
N LYS A 208 -0.41 12.29 -19.08
CA LYS A 208 -0.33 10.87 -19.46
C LYS A 208 -0.13 10.09 -18.16
N LEU A 209 -0.95 9.06 -17.97
CA LEU A 209 -0.93 8.27 -16.76
C LEU A 209 -0.77 6.78 -16.95
N SER A 210 -0.29 6.11 -15.92
CA SER A 210 -0.29 4.67 -15.86
C SER A 210 -1.47 4.19 -15.01
N PHE A 211 -1.93 5.01 -14.07
CA PHE A 211 -3.07 4.62 -13.21
C PHE A 211 -3.82 5.89 -12.81
N GLU A 212 -5.15 5.85 -12.96
CA GLU A 212 -5.98 7.01 -12.74
C GLU A 212 -6.18 7.40 -11.28
N TRP A 213 -6.78 8.56 -11.09
CA TRP A 213 -7.05 9.09 -9.76
C TRP A 213 -7.83 8.06 -8.94
N HIS A 214 -7.51 8.06 -7.64
CA HIS A 214 -8.20 7.17 -6.70
C HIS A 214 -7.82 7.55 -5.28
N GLU A 215 -8.55 6.96 -4.33
CA GLU A 215 -8.22 6.98 -2.92
C GLU A 215 -7.78 5.54 -2.60
N ASP A 216 -6.82 5.36 -1.70
CA ASP A 216 -6.40 4.01 -1.38
C ASP A 216 -7.39 3.22 -0.53
N VAL A 217 -7.36 1.91 -0.79
CA VAL A 217 -8.14 0.96 0.01
C VAL A 217 -7.15 0.41 1.05
N SER A 218 -7.14 1.09 2.21
CA SER A 218 -6.22 0.78 3.28
C SER A 218 -6.52 1.65 4.51
N LEU A 219 -5.88 1.29 5.61
CA LEU A 219 -5.88 2.19 6.77
C LEU A 219 -4.82 3.24 6.46
N ILE A 220 -3.57 2.78 6.25
CA ILE A 220 -2.51 3.62 5.73
C ILE A 220 -1.75 2.78 4.68
N THR A 221 -1.01 3.47 3.83
CA THR A 221 -0.21 2.86 2.77
C THR A 221 1.25 3.21 3.00
N VAL A 222 2.12 2.23 2.98
CA VAL A 222 3.55 2.38 3.30
C VAL A 222 4.35 1.93 2.09
N LEU A 223 4.86 2.88 1.31
CA LEU A 223 5.39 2.59 -0.02
C LEU A 223 6.86 2.88 -0.26
N TYR A 224 7.53 1.91 -0.85
CA TYR A 224 8.90 2.13 -1.29
C TYR A 224 8.84 2.20 -2.82
N GLN A 225 9.52 3.16 -3.43
CA GLN A 225 9.59 3.25 -4.88
C GLN A 225 11.02 3.64 -5.30
N SER A 226 11.35 3.24 -6.52
CA SER A 226 12.62 3.67 -7.11
C SER A 226 12.66 5.19 -7.18
N ASN A 227 13.86 5.74 -7.47
CA ASN A 227 14.02 7.18 -7.58
C ASN A 227 13.67 7.74 -8.95
N VAL A 228 12.42 7.57 -9.37
CA VAL A 228 11.90 8.07 -10.63
C VAL A 228 10.56 8.71 -10.27
N GLN A 229 10.51 10.03 -10.41
CA GLN A 229 9.28 10.76 -10.03
C GLN A 229 8.08 10.29 -10.83
N ASN A 230 6.95 10.05 -10.13
CA ASN A 230 5.78 9.57 -10.87
C ASN A 230 4.45 9.88 -10.22
N LEU A 231 4.39 10.01 -8.90
CA LEU A 231 3.11 10.24 -8.24
C LEU A 231 2.67 11.69 -8.21
N GLN A 232 1.35 11.90 -8.28
CA GLN A 232 0.78 13.24 -8.13
C GLN A 232 -0.37 13.20 -7.13
N VAL A 233 -0.50 14.28 -6.36
CA VAL A 233 -1.58 14.36 -5.39
C VAL A 233 -2.47 15.56 -5.72
N GLU A 234 -3.78 15.39 -5.62
CA GLU A 234 -4.71 16.48 -5.85
C GLU A 234 -4.79 17.33 -4.57
N THR A 235 -4.58 18.63 -4.77
CA THR A 235 -4.68 19.58 -3.68
C THR A 235 -5.65 20.68 -4.15
N ALA A 236 -5.82 21.71 -3.32
CA ALA A 236 -6.70 22.83 -3.68
C ALA A 236 -6.13 23.57 -4.88
N ALA A 237 -4.81 23.62 -4.99
CA ALA A 237 -4.12 24.27 -6.10
C ALA A 237 -3.89 23.34 -7.29
N GLY A 238 -4.56 22.20 -7.36
CA GLY A 238 -4.45 21.29 -8.49
C GLY A 238 -3.59 20.06 -8.18
N TYR A 239 -3.33 19.27 -9.22
CA TYR A 239 -2.47 18.10 -9.02
C TYR A 239 -1.04 18.60 -8.83
N GLN A 240 -0.33 18.10 -7.83
CA GLN A 240 1.04 18.51 -7.59
C GLN A 240 1.96 17.29 -7.62
N ASP A 241 3.20 17.45 -8.05
CA ASP A 241 4.12 16.32 -8.11
C ASP A 241 4.71 15.95 -6.75
N ILE A 242 4.68 14.66 -6.42
CA ILE A 242 5.30 14.17 -5.20
C ILE A 242 6.74 13.77 -5.57
N GLU A 243 7.72 14.40 -4.97
CA GLU A 243 9.12 14.10 -5.24
C GLU A 243 9.45 12.66 -4.89
N ALA A 244 10.32 12.04 -5.69
CA ALA A 244 10.77 10.67 -5.36
C ALA A 244 11.81 10.77 -4.24
N ASP A 245 11.94 9.70 -3.47
CA ASP A 245 12.90 9.58 -2.39
C ASP A 245 13.08 8.06 -2.19
N ASP A 246 14.10 7.49 -2.80
CA ASP A 246 14.31 6.04 -2.67
C ASP A 246 15.07 5.65 -1.41
N THR A 247 15.13 6.52 -0.42
CA THR A 247 15.72 6.15 0.85
C THR A 247 14.63 6.09 1.92
N GLY A 248 13.48 6.69 1.64
CA GLY A 248 12.40 6.74 2.61
C GLY A 248 11.16 5.97 2.14
N TYR A 249 10.20 5.87 3.04
CA TYR A 249 8.91 5.26 2.70
C TYR A 249 7.87 6.38 2.55
N LEU A 250 7.13 6.40 1.48
CA LEU A 250 6.07 7.39 1.28
C LEU A 250 4.80 6.85 1.95
N ILE A 251 4.28 7.64 2.89
CA ILE A 251 3.11 7.25 3.66
C ILE A 251 1.91 8.12 3.33
N ASN A 252 0.73 7.53 3.27
CA ASN A 252 -0.52 8.26 3.13
C ASN A 252 -1.62 7.43 3.80
N CYS A 253 -2.72 8.10 4.10
CA CYS A 253 -3.91 7.46 4.60
C CYS A 253 -4.78 6.91 3.47
N GLY A 254 -5.49 5.83 3.84
CA GLY A 254 -6.47 5.21 2.93
C GLY A 254 -7.87 5.60 3.43
N SER A 255 -8.90 5.18 2.71
CA SER A 255 -10.26 5.60 3.04
C SER A 255 -10.79 5.01 4.33
N TYR A 256 -10.20 3.97 4.91
CA TYR A 256 -10.68 3.52 6.23
C TYR A 256 -10.28 4.58 7.24
N MET A 257 -9.09 5.20 7.13
CA MET A 257 -8.72 6.24 8.10
C MET A 257 -9.68 7.43 7.94
N ALA A 258 -10.01 7.78 6.71
CA ALA A 258 -10.93 8.90 6.47
C ALA A 258 -12.27 8.59 7.12
N HIS A 259 -12.75 7.35 7.00
CA HIS A 259 -14.03 7.00 7.64
C HIS A 259 -13.97 7.14 9.14
N LEU A 260 -12.95 6.57 9.80
CA LEU A 260 -12.83 6.57 11.24
C LEU A 260 -12.65 7.96 11.84
N THR A 261 -12.04 8.88 11.09
CA THR A 261 -11.76 10.21 11.59
C THR A 261 -12.78 11.23 11.07
N ASN A 262 -13.80 10.77 10.36
CA ASN A 262 -14.82 11.66 9.79
C ASN A 262 -14.19 12.69 8.85
N ASN A 263 -13.24 12.20 8.04
CA ASN A 263 -12.52 13.03 7.08
C ASN A 263 -11.60 14.06 7.68
N TYR A 264 -11.25 13.99 8.97
CA TYR A 264 -10.26 14.89 9.57
C TYR A 264 -8.90 14.60 8.91
N TYR A 265 -8.62 13.29 8.78
CA TYR A 265 -7.47 12.83 8.01
C TYR A 265 -8.05 12.23 6.73
N LYS A 266 -8.04 13.02 5.68
CA LYS A 266 -8.61 12.58 4.41
C LYS A 266 -7.72 11.54 3.74
N ALA A 267 -8.31 10.70 2.90
CA ALA A 267 -7.54 9.78 2.04
C ALA A 267 -7.23 10.64 0.80
N PRO A 268 -5.99 11.04 0.62
CA PRO A 268 -5.70 11.93 -0.50
C PRO A 268 -5.93 11.28 -1.84
N ILE A 269 -6.50 12.08 -2.75
CA ILE A 269 -6.71 11.57 -4.11
C ILE A 269 -5.39 11.73 -4.84
N HIS A 270 -4.94 10.65 -5.49
CA HIS A 270 -3.64 10.67 -6.15
C HIS A 270 -3.69 9.80 -7.40
N ARG A 271 -2.67 9.95 -8.23
CA ARG A 271 -2.60 9.20 -9.48
C ARG A 271 -1.14 8.96 -9.84
N VAL A 272 -0.91 8.05 -10.77
CA VAL A 272 0.41 7.64 -11.21
C VAL A 272 0.69 8.09 -12.65
N LYS A 273 1.63 9.00 -12.80
CA LYS A 273 1.97 9.45 -14.15
C LYS A 273 2.66 8.35 -14.94
N TRP A 274 2.45 8.39 -16.27
CA TRP A 274 3.14 7.51 -17.18
C TRP A 274 4.59 8.02 -17.32
N VAL A 275 5.54 7.13 -17.08
CA VAL A 275 6.96 7.45 -17.23
C VAL A 275 7.57 6.27 -17.98
N ASN A 276 8.31 6.51 -19.07
CA ASN A 276 8.91 5.38 -19.79
C ASN A 276 10.26 5.07 -19.16
N ALA A 277 10.21 4.28 -18.10
CA ALA A 277 11.38 3.92 -17.32
C ALA A 277 11.18 2.59 -16.59
N GLU A 278 12.23 1.84 -16.50
CA GLU A 278 12.25 0.56 -15.79
C GLU A 278 12.31 0.90 -14.30
N ARG A 279 11.25 0.64 -13.54
CA ARG A 279 11.25 1.05 -12.14
C ARG A 279 10.40 0.10 -11.30
N GLN A 280 10.55 0.26 -10.00
CA GLN A 280 9.81 -0.57 -9.06
C GLN A 280 8.92 0.24 -8.15
N SER A 281 7.80 -0.39 -7.78
CA SER A 281 6.87 0.27 -6.85
C SER A 281 6.40 -0.82 -5.89
N LEU A 282 6.74 -0.69 -4.60
CA LEU A 282 6.55 -1.79 -3.65
C LEU A 282 5.73 -1.34 -2.46
N PRO A 283 4.41 -1.25 -2.62
CA PRO A 283 3.52 -0.85 -1.55
C PRO A 283 3.23 -1.96 -0.54
N PHE A 284 3.02 -1.56 0.70
CA PHE A 284 2.50 -2.42 1.76
C PHE A 284 1.18 -1.74 2.16
N PHE A 285 0.06 -2.41 1.93
CA PHE A 285 -1.23 -1.85 2.31
C PHE A 285 -1.54 -2.31 3.73
N VAL A 286 -1.59 -1.37 4.67
CA VAL A 286 -1.85 -1.67 6.06
C VAL A 286 -3.35 -1.86 6.28
N ASN A 287 -3.72 -3.13 6.35
CA ASN A 287 -5.10 -3.55 6.57
C ASN A 287 -5.19 -4.22 7.95
N LEU A 288 -6.35 -4.07 8.59
CA LEU A 288 -6.52 -4.67 9.92
C LEU A 288 -7.02 -6.09 9.81
N GLY A 289 -7.65 -6.66 10.85
CA GLY A 289 -8.20 -8.02 10.71
C GLY A 289 -9.61 -7.99 10.17
N TYR A 290 -10.11 -9.15 9.73
CA TYR A 290 -11.43 -9.24 9.12
C TYR A 290 -12.56 -8.68 9.96
N ASP A 291 -12.53 -8.96 11.25
CA ASP A 291 -13.58 -8.52 12.17
C ASP A 291 -13.27 -7.23 12.89
N SER A 292 -12.11 -6.62 12.64
CA SER A 292 -11.74 -5.38 13.28
C SER A 292 -12.75 -4.27 13.01
N VAL A 293 -13.24 -3.68 14.11
CA VAL A 293 -14.18 -2.57 13.99
C VAL A 293 -13.66 -1.49 14.94
N ILE A 294 -13.40 -0.33 14.36
CA ILE A 294 -13.02 0.81 15.20
C ILE A 294 -14.20 1.78 15.18
N ASP A 295 -14.68 2.24 16.33
CA ASP A 295 -15.82 3.16 16.29
C ASP A 295 -15.38 4.54 15.80
N PRO A 296 -16.09 5.03 14.78
CA PRO A 296 -15.75 6.31 14.17
C PRO A 296 -15.81 7.46 15.16
N PHE A 297 -14.96 8.45 14.98
CA PHE A 297 -14.94 9.60 15.87
C PHE A 297 -14.59 10.84 15.08
N ASP A 298 -14.58 12.01 15.73
CA ASP A 298 -14.26 13.25 15.05
C ASP A 298 -13.45 14.16 15.98
N PRO A 299 -12.15 14.31 15.75
CA PRO A 299 -11.26 15.14 16.51
C PRO A 299 -11.44 16.64 16.36
N ARG A 300 -12.38 17.07 15.53
CA ARG A 300 -12.74 18.45 15.35
C ARG A 300 -13.92 18.81 16.25
N GLU A 301 -14.62 17.82 16.80
CA GLU A 301 -15.77 18.10 17.66
C GLU A 301 -15.44 17.93 19.14
N PRO A 302 -15.99 18.81 19.99
CA PRO A 302 -15.73 18.75 21.41
C PRO A 302 -16.02 17.42 22.06
N ASN A 303 -17.13 16.76 21.73
CA ASN A 303 -17.45 15.46 22.33
C ASN A 303 -16.87 14.29 21.54
N GLY A 304 -16.20 14.59 20.44
CA GLY A 304 -15.57 13.62 19.57
C GLY A 304 -16.53 12.70 18.86
N LYS A 305 -17.84 12.96 18.87
CA LYS A 305 -18.79 12.08 18.23
C LYS A 305 -18.89 12.30 16.71
N SER A 306 -19.21 11.20 16.04
CA SER A 306 -19.34 11.22 14.59
C SER A 306 -20.70 10.68 14.17
N ASP A 307 -21.21 11.10 13.02
CA ASP A 307 -22.48 10.58 12.53
C ASP A 307 -22.25 9.48 11.49
N ARG A 308 -21.17 8.73 11.63
CA ARG A 308 -20.84 7.63 10.75
C ARG A 308 -21.07 6.29 11.44
N GLU A 309 -21.47 5.27 10.70
CA GLU A 309 -21.70 3.95 11.28
C GLU A 309 -20.43 3.12 11.28
N PRO A 310 -20.23 2.32 12.32
CA PRO A 310 -19.08 1.43 12.39
C PRO A 310 -19.09 0.49 11.20
N LEU A 311 -17.89 0.24 10.68
CA LEU A 311 -17.71 -0.61 9.51
C LEU A 311 -16.62 -1.63 9.79
N SER A 312 -16.89 -2.91 9.64
CA SER A 312 -15.82 -3.88 9.91
C SER A 312 -14.80 -3.79 8.78
N TYR A 313 -13.53 -4.03 9.15
CA TYR A 313 -12.47 -3.94 8.15
C TYR A 313 -12.64 -4.93 7.00
N GLY A 314 -13.12 -6.14 7.27
CA GLY A 314 -13.35 -7.15 6.28
C GLY A 314 -14.37 -6.72 5.21
N ASP A 315 -15.45 -6.12 5.68
CA ASP A 315 -16.50 -5.59 4.82
C ASP A 315 -15.92 -4.46 3.95
N TYR A 316 -15.21 -3.56 4.61
CA TYR A 316 -14.56 -2.46 3.90
C TYR A 316 -13.62 -2.93 2.80
N LEU A 317 -12.72 -3.88 3.14
CA LEU A 317 -11.71 -4.34 2.21
C LEU A 317 -12.27 -5.10 1.02
N GLN A 318 -13.12 -6.11 1.23
CA GLN A 318 -13.59 -6.85 0.04
C GLN A 318 -14.36 -5.94 -0.90
N ASN A 319 -15.21 -5.07 -0.36
CA ASN A 319 -15.94 -4.13 -1.21
C ASN A 319 -15.00 -3.15 -1.90
N GLY A 320 -14.00 -2.63 -1.18
CA GLY A 320 -13.08 -1.67 -1.77
C GLY A 320 -12.21 -2.21 -2.88
N LEU A 321 -11.72 -3.44 -2.76
CA LEU A 321 -10.82 -3.96 -3.81
C LEU A 321 -11.56 -4.18 -5.11
N VAL A 322 -12.80 -4.65 -5.00
CA VAL A 322 -13.63 -4.82 -6.19
C VAL A 322 -13.94 -3.48 -6.84
N SER A 323 -14.30 -2.49 -6.02
CA SER A 323 -14.65 -1.18 -6.54
C SER A 323 -13.49 -0.50 -7.25
N LEU A 324 -12.28 -0.66 -6.72
CA LEU A 324 -11.11 -0.07 -7.36
C LEU A 324 -10.81 -0.73 -8.70
N ILE A 325 -11.00 -2.04 -8.81
CA ILE A 325 -10.82 -2.74 -10.09
C ILE A 325 -11.88 -2.27 -11.09
N ASN A 326 -13.10 -2.07 -10.61
CA ASN A 326 -14.15 -1.59 -11.53
C ASN A 326 -13.87 -0.17 -12.02
N LYS A 327 -13.37 0.70 -11.14
CA LYS A 327 -13.10 2.07 -11.53
C LYS A 327 -11.87 2.24 -12.42
N ASN A 328 -10.73 1.69 -11.93
CA ASN A 328 -9.46 1.92 -12.61
C ASN A 328 -8.89 0.72 -13.35
N GLY A 329 -9.62 -0.38 -13.43
CA GLY A 329 -9.16 -1.54 -14.19
C GLY A 329 -8.39 -2.59 -13.43
N GLN A 330 -8.39 -3.82 -13.96
CA GLN A 330 -7.64 -4.91 -13.37
C GLN A 330 -6.15 -4.65 -13.59
N THR A 331 -5.38 -4.65 -12.50
CA THR A 331 -3.94 -4.46 -12.59
C THR A 331 -3.26 -5.81 -12.84
C1 SCV B . -4.26 -6.55 -2.66
C2 SCV B . -3.57 -5.78 -3.75
C3 SCV B . -4.36 -4.44 -3.73
C4 SCV B . -3.81 -3.57 -4.89
C7 SCV B . -2.55 0.47 -6.61
C10 SCV B . 1.13 1.37 -6.86
C12 SCV B . 1.53 2.23 -5.65
C13 SCV B . 1.45 3.60 -6.32
C5 SCV B . -4.62 -2.26 -4.92
N1 SCV B . -3.94 -6.70 -4.86
O1 SCV B . -5.10 -7.72 -2.64
O2 SCV B . -4.21 -6.20 -1.25
O5 SCV B . -0.33 1.30 -6.93
C11 SCV B . 1.69 1.62 -8.26
C14 SCV B . 0.72 2.20 -4.35
O6 SCV B . 0.93 1.48 -9.26
O7 SCV B . 2.89 1.93 -8.33
C6 SCV B . -4.07 -1.39 -6.05
O3 SCV B . -4.17 -1.75 -7.24
N2 SCV B . -3.19 -0.46 -5.69
O4 SCV B . -0.54 -0.69 -5.88
C8 SCV B . -1.05 0.35 -6.36
C9 SCV B . -2.72 1.91 -6.31
O8 SCV B . -2.49 2.73 -7.15
S SCV B . -3.11 2.28 -4.61
S SO4 C . 16.51 -12.75 4.65
O1 SO4 C . 15.65 -13.83 4.05
O2 SO4 C . 16.46 -12.84 6.16
O3 SO4 C . 17.92 -12.92 4.17
O4 SO4 C . 16.01 -11.38 4.30
FE FE2 D . -2.73 4.64 -4.37
#